data_3LM0
#
_entry.id   3LM0
#
_cell.length_a   83.540
_cell.length_b   83.540
_cell.length_c   115.640
_cell.angle_alpha   90.00
_cell.angle_beta   90.00
_cell.angle_gamma   90.00
#
_symmetry.space_group_name_H-M   'P 41 2 2'
#
loop_
_entity.id
_entity.type
_entity.pdbx_description
1 polymer 'Serine/threonine-protein kinase 17B'
2 non-polymer [4-({4-[(5-cyclopropyl-1H-pyrazol-3-yl)amino]-5-methylpyrimidin-2-yl}amino)phenyl]acetonitrile
3 non-polymer 1,2-ETHANEDIOL
4 non-polymer 'CHLORIDE ION'
5 water water
#
_entity_poly.entity_id   1
_entity_poly.type   'polypeptide(L)'
_entity_poly.pdbx_seq_one_letter_code
;MHHHHHHSSGVDLGTENLYFQSMENFNNFYILTSKELGRGKFAVVRQCISKSTGQEYAAKFLKKRRRGQDCRAEILHEIA
VLELAKSCPRVINLHEVYENTSEIILILEYAAGGEIFSLCLPELAEMVSENDVIRLIKQILEGVYYLHQNNIVHLDLKPQ
NILLSSIYPLGDIKIVDFGMSRKIGHACELREIMGTPEYLAPEILNYDPITTATDMWNIGIIAYMLLTHTSPFVGEDNQE
TYLNISQVNVDYSEETFSSVSQLATDFIQSLLVKNPEKRPTAEICLSHSWLQQWDFENLFHPEETSSSSQTQDHSVRSSE
DKTSKSS
;
_entity_poly.pdbx_strand_id   A
#
loop_
_chem_comp.id
_chem_comp.type
_chem_comp.name
_chem_comp.formula
CL non-polymer 'CHLORIDE ION' 'Cl -1'
EBD non-polymer [4-({4-[(5-cyclopropyl-1H-pyrazol-3-yl)amino]-5-methylpyrimidin-2-yl}amino)phenyl]acetonitrile 'C19 H19 N7'
EDO non-polymer 1,2-ETHANEDIOL 'C2 H6 O2'
#
# COMPACT_ATOMS: atom_id res chain seq x y z
N GLU A 16 -33.06 -1.09 5.93
CA GLU A 16 -32.17 -0.81 4.74
C GLU A 16 -32.37 -1.89 3.63
N ASN A 17 -32.60 -1.45 2.39
CA ASN A 17 -32.63 -2.37 1.22
C ASN A 17 -31.24 -2.56 0.64
N LEU A 18 -30.94 -3.75 0.17
CA LEU A 18 -29.60 -4.09 -0.35
C LEU A 18 -29.40 -3.65 -1.82
N TYR A 19 -28.17 -3.25 -2.15
CA TYR A 19 -27.87 -2.70 -3.47
C TYR A 19 -27.12 -3.71 -4.36
N PHE A 20 -26.13 -4.37 -3.80
CA PHE A 20 -25.28 -5.24 -4.58
C PHE A 20 -25.88 -6.64 -4.65
N GLN A 21 -25.20 -7.56 -5.31
CA GLN A 21 -25.75 -8.87 -5.53
C GLN A 21 -25.93 -9.61 -4.24
N SER A 22 -26.94 -10.45 -4.21
CA SER A 22 -27.32 -11.20 -3.02
C SER A 22 -26.22 -12.15 -2.57
N MET A 23 -26.28 -12.48 -1.30
CA MET A 23 -25.44 -13.50 -0.69
C MET A 23 -25.73 -14.87 -1.27
N GLU A 24 -26.98 -15.15 -1.64
CA GLU A 24 -27.26 -16.44 -2.24
C GLU A 24 -26.41 -16.63 -3.54
N ASN A 25 -26.30 -15.57 -4.33
CA ASN A 25 -25.48 -15.65 -5.53
C ASN A 25 -24.04 -15.90 -5.18
N PHE A 26 -23.55 -15.22 -4.11
CA PHE A 26 -22.13 -15.32 -3.69
C PHE A 26 -21.80 -16.75 -3.36
N ASN A 27 -22.69 -17.42 -2.64
CA ASN A 27 -22.42 -18.79 -2.23
C ASN A 27 -22.68 -19.79 -3.37
N ASN A 28 -23.44 -19.36 -4.35
CA ASN A 28 -23.62 -20.15 -5.53
C ASN A 28 -22.38 -20.12 -6.43
N PHE A 29 -21.61 -19.02 -6.41
CA PHE A 29 -20.56 -18.80 -7.43
C PHE A 29 -19.14 -19.01 -6.90
N TYR A 30 -19.00 -18.85 -5.59
CA TYR A 30 -17.75 -18.94 -4.87
C TYR A 30 -17.79 -19.85 -3.66
N ILE A 31 -16.63 -20.41 -3.34
CA ILE A 31 -16.45 -21.15 -2.12
C ILE A 31 -15.29 -20.51 -1.38
N LEU A 32 -15.51 -20.26 -0.10
CA LEU A 32 -14.48 -19.68 0.73
C LEU A 32 -13.53 -20.80 1.08
N THR A 33 -12.25 -20.47 1.23
CA THR A 33 -11.27 -21.43 1.71
C THR A 33 -10.90 -21.12 3.15
N SER A 34 -10.10 -22.01 3.75
CA SER A 34 -9.66 -21.88 5.12
C SER A 34 -8.53 -20.87 5.31
N LYS A 35 -8.04 -20.25 4.25
CA LYS A 35 -7.00 -19.25 4.38
C LYS A 35 -7.68 -17.90 4.66
N GLU A 36 -7.72 -17.51 5.93
CA GLU A 36 -8.04 -16.12 6.29
C GLU A 36 -6.81 -15.28 6.04
N LEU A 37 -6.96 -14.25 5.21
CA LEU A 37 -5.86 -13.37 4.79
C LEU A 37 -5.65 -12.18 5.70
N GLY A 38 -6.72 -11.62 6.25
CA GLY A 38 -6.58 -10.52 7.23
C GLY A 38 -7.82 -10.27 8.05
N ARG A 39 -7.64 -9.67 9.23
CA ARG A 39 -8.78 -9.31 10.11
C ARG A 39 -8.50 -7.97 10.79
N GLY A 40 -9.43 -7.04 10.71
CA GLY A 40 -9.34 -5.79 11.47
C GLY A 40 -10.65 -5.63 12.22
N LYS A 41 -10.94 -4.47 12.78
CA LYS A 41 -12.11 -4.32 13.66
C LYS A 41 -13.44 -4.51 12.91
N PHE A 42 -13.50 -3.99 11.68
CA PHE A 42 -14.73 -3.96 10.87
C PHE A 42 -14.58 -4.58 9.49
N ALA A 43 -13.57 -5.44 9.34
CA ALA A 43 -13.23 -6.05 8.06
C ALA A 43 -12.48 -7.39 8.23
N VAL A 44 -12.82 -8.39 7.43
CA VAL A 44 -12.05 -9.61 7.40
C VAL A 44 -11.85 -9.97 5.93
N VAL A 45 -10.67 -10.43 5.59
CA VAL A 45 -10.42 -10.88 4.24
C VAL A 45 -10.09 -12.34 4.27
N ARG A 46 -10.76 -13.07 3.39
CA ARG A 46 -10.60 -14.50 3.23
C ARG A 46 -10.45 -14.86 1.74
N GLN A 47 -9.62 -15.85 1.44
CA GLN A 47 -9.49 -16.33 0.06
C GLN A 47 -10.75 -17.06 -0.31
N CYS A 48 -11.22 -16.84 -1.53
CA CYS A 48 -12.30 -17.65 -2.12
C CYS A 48 -11.89 -18.12 -3.52
N ILE A 49 -12.63 -19.09 -4.02
CA ILE A 49 -12.40 -19.73 -5.29
C ILE A 49 -13.71 -19.72 -6.07
N SER A 50 -13.64 -19.30 -7.33
CA SER A 50 -14.74 -19.44 -8.26
C SER A 50 -15.03 -20.90 -8.45
N LYS A 51 -16.29 -21.30 -8.31
CA LYS A 51 -16.72 -22.68 -8.58
C LYS A 51 -16.66 -23.01 -10.07
N SER A 52 -16.85 -22.00 -10.91
CA SER A 52 -16.79 -22.24 -12.37
C SER A 52 -15.37 -22.33 -12.92
N THR A 53 -14.47 -21.42 -12.55
CA THR A 53 -13.15 -21.34 -13.20
C THR A 53 -12.00 -21.84 -12.33
N GLY A 54 -12.21 -21.94 -11.02
CA GLY A 54 -11.16 -22.40 -10.10
C GLY A 54 -10.13 -21.32 -9.72
N GLN A 55 -10.34 -20.12 -10.25
CA GLN A 55 -9.44 -19.01 -10.02
C GLN A 55 -9.62 -18.40 -8.61
N GLU A 56 -8.52 -18.08 -7.94
CA GLU A 56 -8.59 -17.58 -6.58
C GLU A 56 -8.81 -16.07 -6.54
N TYR A 57 -9.53 -15.65 -5.52
CA TYR A 57 -9.78 -14.27 -5.20
C TYR A 57 -9.63 -14.02 -3.71
N ALA A 58 -9.64 -12.74 -3.34
CA ALA A 58 -9.67 -12.31 -1.96
C ALA A 58 -11.04 -11.69 -1.77
N ALA A 59 -11.85 -12.24 -0.86
CA ALA A 59 -13.14 -11.67 -0.50
C ALA A 59 -12.98 -10.80 0.74
N LYS A 60 -13.19 -9.49 0.60
CA LYS A 60 -13.10 -8.57 1.74
C LYS A 60 -14.50 -8.22 2.23
N PHE A 61 -14.77 -8.59 3.48
CA PHE A 61 -16.07 -8.47 4.08
C PHE A 61 -16.04 -7.25 4.96
N LEU A 62 -16.82 -6.21 4.62
CA LEU A 62 -16.78 -4.93 5.32
C LEU A 62 -18.12 -4.69 6.00
N LYS A 63 -18.08 -4.45 7.30
CA LYS A 63 -19.27 -4.16 8.02
C LYS A 63 -19.79 -2.73 7.68
N LYS A 64 -21.09 -2.64 7.42
CA LYS A 64 -21.75 -1.38 7.12
C LYS A 64 -21.98 -0.51 8.33
N ARG A 65 -22.21 -1.13 9.48
CA ARG A 65 -22.43 -0.40 10.74
C ARG A 65 -21.14 -0.43 11.59
N ARG A 66 -20.59 0.74 11.91
CA ARG A 66 -19.39 0.86 12.74
C ARG A 66 -19.56 1.95 13.76
N ARG A 67 -19.16 1.66 15.00
CA ARG A 67 -19.19 2.63 16.12
C ARG A 67 -20.48 3.45 16.15
N GLY A 68 -21.62 2.81 15.89
CA GLY A 68 -22.90 3.53 15.81
C GLY A 68 -23.27 3.92 14.38
N GLN A 69 -22.26 4.16 13.55
CA GLN A 69 -22.39 4.91 12.30
C GLN A 69 -22.74 3.99 11.16
N ASP A 70 -23.84 4.26 10.46
CA ASP A 70 -24.10 3.63 9.14
C ASP A 70 -22.99 4.07 8.15
N CYS A 71 -22.17 3.15 7.70
CA CYS A 71 -21.00 3.48 6.84
C CYS A 71 -21.05 2.98 5.40
N ARG A 72 -22.22 2.62 4.90
CA ARG A 72 -22.35 2.16 3.51
C ARG A 72 -21.86 3.17 2.48
N ALA A 73 -22.20 4.44 2.71
CA ALA A 73 -21.74 5.54 1.88
C ALA A 73 -20.22 5.56 1.74
N GLU A 74 -19.51 5.42 2.87
CA GLU A 74 -18.05 5.36 2.89
C GLU A 74 -17.52 4.20 2.07
N ILE A 75 -18.15 3.04 2.23
CA ILE A 75 -17.84 1.84 1.41
C ILE A 75 -18.10 2.11 -0.10
N LEU A 76 -19.21 2.78 -0.44
CA LEU A 76 -19.47 3.20 -1.83
C LEU A 76 -18.37 4.09 -2.36
N HIS A 77 -17.88 4.99 -1.53
CA HIS A 77 -16.74 5.81 -1.89
C HIS A 77 -15.48 4.99 -2.24
N GLU A 78 -15.12 4.01 -1.43
CA GLU A 78 -13.95 3.17 -1.70
C GLU A 78 -14.12 2.35 -3.01
N ILE A 79 -15.28 1.75 -3.20
CA ILE A 79 -15.62 1.07 -4.48
C ILE A 79 -15.42 2.02 -5.71
N ALA A 80 -15.96 3.23 -5.61
CA ALA A 80 -15.77 4.23 -6.65
C ALA A 80 -14.29 4.46 -6.96
N VAL A 81 -13.44 4.51 -5.94
CA VAL A 81 -12.03 4.81 -6.13
C VAL A 81 -11.33 3.65 -6.78
N LEU A 82 -11.68 2.43 -6.39
CA LEU A 82 -11.13 1.24 -7.00
C LEU A 82 -11.54 1.16 -8.45
N GLU A 83 -12.78 1.55 -8.72
CA GLU A 83 -13.31 1.53 -10.10
C GLU A 83 -12.59 2.56 -10.96
N LEU A 84 -12.39 3.73 -10.39
CA LEU A 84 -11.71 4.81 -11.09
C LEU A 84 -10.28 4.38 -11.52
N ALA A 85 -9.63 3.57 -10.67
CA ALA A 85 -8.28 3.06 -10.91
C ALA A 85 -8.24 1.67 -11.58
N LYS A 86 -9.34 1.23 -12.17
CA LYS A 86 -9.40 -0.09 -12.80
C LYS A 86 -8.32 -0.33 -13.83
N SER A 87 -7.95 0.68 -14.59
CA SER A 87 -6.96 0.52 -15.68
C SER A 87 -5.48 0.54 -15.24
N CYS A 88 -5.21 0.82 -13.98
CA CYS A 88 -3.85 0.82 -13.49
C CYS A 88 -3.44 -0.58 -13.02
N PRO A 89 -2.43 -1.19 -13.66
CA PRO A 89 -2.12 -2.53 -13.19
C PRO A 89 -1.41 -2.58 -11.84
N ARG A 90 -0.99 -1.42 -11.33
CA ARG A 90 -0.40 -1.27 -9.98
C ARG A 90 -1.37 -1.23 -8.79
N VAL A 91 -2.66 -1.11 -9.12
CA VAL A 91 -3.73 -1.07 -8.12
C VAL A 91 -4.54 -2.38 -8.21
N ILE A 92 -4.89 -2.91 -7.05
CA ILE A 92 -5.64 -4.16 -6.94
C ILE A 92 -6.95 -3.99 -7.72
N ASN A 93 -7.27 -5.00 -8.53
CA ASN A 93 -8.54 -5.02 -9.29
C ASN A 93 -9.76 -5.46 -8.45
N LEU A 94 -10.90 -4.78 -8.67
CA LEU A 94 -12.20 -5.13 -8.10
C LEU A 94 -12.94 -5.88 -9.17
N HIS A 95 -13.26 -7.16 -8.93
CA HIS A 95 -13.95 -8.05 -9.88
C HIS A 95 -15.48 -8.08 -9.71
N GLU A 96 -15.96 -8.08 -8.47
CA GLU A 96 -17.40 -8.16 -8.19
C GLU A 96 -17.76 -7.62 -6.81
N VAL A 97 -19.05 -7.36 -6.62
CA VAL A 97 -19.49 -6.91 -5.30
C VAL A 97 -20.81 -7.56 -4.92
N TYR A 98 -20.88 -7.99 -3.67
CA TYR A 98 -22.07 -8.60 -3.11
C TYR A 98 -22.40 -7.87 -1.80
N GLU A 99 -23.60 -8.12 -1.28
CA GLU A 99 -24.07 -7.45 -0.08
C GLU A 99 -25.09 -8.35 0.63
N ASN A 100 -25.04 -8.33 1.96
CA ASN A 100 -25.98 -9.00 2.82
C ASN A 100 -26.39 -7.98 3.90
N THR A 101 -27.21 -8.40 4.89
CA THR A 101 -27.72 -7.47 5.90
C THR A 101 -26.65 -6.59 6.55
N SER A 102 -25.48 -7.17 6.92
CA SER A 102 -24.43 -6.42 7.71
C SER A 102 -23.14 -6.06 6.97
N GLU A 103 -22.94 -6.68 5.82
CA GLU A 103 -21.68 -6.65 5.11
C GLU A 103 -21.85 -6.24 3.66
N ILE A 104 -20.85 -5.53 3.16
CA ILE A 104 -20.65 -5.45 1.71
C ILE A 104 -19.40 -6.24 1.47
N ILE A 105 -19.42 -7.07 0.43
CA ILE A 105 -18.30 -8.00 0.17
C ILE A 105 -17.65 -7.63 -1.16
N LEU A 106 -16.35 -7.33 -1.10
CA LEU A 106 -15.54 -7.07 -2.30
C LEU A 106 -14.80 -8.31 -2.80
N ILE A 107 -15.04 -8.70 -4.05
CA ILE A 107 -14.29 -9.78 -4.64
C ILE A 107 -13.10 -9.17 -5.37
N LEU A 108 -11.91 -9.32 -4.79
CA LEU A 108 -10.73 -8.62 -5.25
C LEU A 108 -9.73 -9.60 -5.83
N GLU A 109 -8.95 -9.13 -6.81
CA GLU A 109 -7.77 -9.82 -7.31
C GLU A 109 -6.95 -10.38 -6.16
N TYR A 110 -6.52 -11.63 -6.31
CA TYR A 110 -5.65 -12.28 -5.32
C TYR A 110 -4.20 -11.99 -5.63
N ALA A 111 -3.51 -11.38 -4.68
CA ALA A 111 -2.05 -11.19 -4.65
C ALA A 111 -1.35 -12.27 -3.80
N ALA A 112 -0.85 -13.30 -4.46
CA ALA A 112 -0.35 -14.52 -3.82
C ALA A 112 1.00 -14.35 -3.13
N GLY A 113 1.66 -13.21 -3.39
CA GLY A 113 2.95 -12.91 -2.83
C GLY A 113 2.86 -12.31 -1.45
N GLY A 114 1.65 -11.95 -1.01
CA GLY A 114 1.49 -11.29 0.29
C GLY A 114 2.10 -9.89 0.32
N GLU A 115 2.46 -9.43 1.52
CA GLU A 115 2.74 -8.02 1.78
C GLU A 115 4.22 -7.72 1.56
N ILE A 116 4.56 -6.51 1.09
CA ILE A 116 5.98 -6.14 0.99
C ILE A 116 6.57 -5.96 2.37
N PHE A 117 5.71 -5.73 3.37
CA PHE A 117 6.15 -5.75 4.74
C PHE A 117 6.93 -7.00 5.09
N SER A 118 6.54 -8.15 4.55
CA SER A 118 7.33 -9.38 4.78
C SER A 118 8.74 -9.28 4.32
N LEU A 119 9.01 -8.52 3.25
CA LEU A 119 10.38 -8.35 2.79
C LEU A 119 11.19 -7.37 3.63
N CYS A 120 10.55 -6.67 4.57
CA CYS A 120 11.23 -5.69 5.43
C CYS A 120 11.73 -6.27 6.76
N LEU A 121 11.35 -7.51 7.07
CA LEU A 121 11.75 -8.17 8.32
C LEU A 121 13.11 -8.82 8.08
N PRO A 122 14.07 -8.63 9.01
CA PRO A 122 15.42 -9.25 8.91
C PRO A 122 15.46 -10.76 8.54
N GLU A 123 14.40 -11.47 8.91
CA GLU A 123 14.10 -12.85 8.42
C GLU A 123 14.38 -13.09 6.91
N LEU A 124 13.67 -12.36 6.04
CA LEU A 124 13.59 -12.64 4.59
C LEU A 124 14.35 -11.62 3.74
N ALA A 125 15.62 -11.34 4.08
CA ALA A 125 16.33 -10.16 3.58
C ALA A 125 17.69 -10.38 2.91
N GLU A 126 18.20 -11.61 2.94
CA GLU A 126 19.35 -11.99 2.10
C GLU A 126 18.87 -12.50 0.72
N MET A 127 17.55 -12.55 0.52
CA MET A 127 16.92 -12.89 -0.76
C MET A 127 16.23 -11.69 -1.46
N VAL A 128 16.67 -10.45 -1.17
CA VAL A 128 16.08 -9.24 -1.81
C VAL A 128 17.20 -8.32 -2.25
N SER A 129 17.55 -8.44 -3.52
CA SER A 129 18.66 -7.70 -4.12
C SER A 129 18.33 -6.22 -4.25
N GLU A 130 19.34 -5.47 -4.65
CA GLU A 130 19.16 -4.06 -4.90
C GLU A 130 18.26 -3.85 -6.11
N ASN A 131 18.45 -4.66 -7.15
CA ASN A 131 17.61 -4.64 -8.34
C ASN A 131 16.13 -4.75 -8.03
N ASP A 132 15.77 -5.53 -7.02
CA ASP A 132 14.35 -5.80 -6.70
C ASP A 132 13.78 -4.59 -5.99
N VAL A 133 14.53 -4.05 -5.02
CA VAL A 133 14.06 -2.85 -4.32
C VAL A 133 13.81 -1.73 -5.33
N ILE A 134 14.75 -1.53 -6.25
CA ILE A 134 14.65 -0.46 -7.25
C ILE A 134 13.40 -0.71 -8.08
N ARG A 135 13.18 -1.95 -8.51
CA ARG A 135 11.98 -2.24 -9.27
C ARG A 135 10.70 -2.09 -8.47
N LEU A 136 10.65 -2.55 -7.22
CA LEU A 136 9.43 -2.41 -6.41
C LEU A 136 9.08 -0.96 -6.13
N ILE A 137 10.08 -0.15 -5.77
CA ILE A 137 9.83 1.27 -5.56
C ILE A 137 9.36 1.94 -6.85
N LYS A 138 9.97 1.62 -7.99
CA LYS A 138 9.55 2.14 -9.27
C LYS A 138 8.08 1.82 -9.55
N GLN A 139 7.65 0.59 -9.29
CA GLN A 139 6.28 0.21 -9.54
C GLN A 139 5.30 0.90 -8.58
N ILE A 140 5.69 1.01 -7.32
CA ILE A 140 4.89 1.72 -6.36
C ILE A 140 4.72 3.15 -6.83
N LEU A 141 5.78 3.80 -7.29
CA LEU A 141 5.66 5.19 -7.74
C LEU A 141 4.78 5.35 -8.96
N GLU A 142 4.72 4.32 -9.83
CA GLU A 142 3.90 4.42 -11.03
C GLU A 142 2.45 4.38 -10.67
N GLY A 143 2.11 3.65 -9.63
CA GLY A 143 0.72 3.50 -9.22
C GLY A 143 0.31 4.76 -8.46
N VAL A 144 1.20 5.27 -7.62
CA VAL A 144 0.93 6.49 -6.89
C VAL A 144 0.91 7.70 -7.80
N TYR A 145 1.76 7.73 -8.83
CA TYR A 145 1.63 8.76 -9.82
C TYR A 145 0.25 8.75 -10.46
N TYR A 146 -0.22 7.57 -10.82
CA TYR A 146 -1.52 7.45 -11.51
C TYR A 146 -2.65 7.95 -10.63
N LEU A 147 -2.58 7.60 -9.35
CA LEU A 147 -3.58 8.04 -8.35
C LEU A 147 -3.57 9.57 -8.18
N HIS A 148 -2.39 10.15 -8.01
CA HIS A 148 -2.25 11.59 -7.83
C HIS A 148 -2.65 12.34 -9.05
N GLN A 149 -2.37 11.80 -10.23
CA GLN A 149 -2.90 12.39 -11.50
C GLN A 149 -4.41 12.44 -11.50
N ASN A 150 -5.05 11.56 -10.74
CA ASN A 150 -6.48 11.55 -10.65
C ASN A 150 -7.04 12.24 -9.40
N ASN A 151 -6.18 12.93 -8.65
CA ASN A 151 -6.58 13.62 -7.42
C ASN A 151 -7.01 12.65 -6.29
N ILE A 152 -6.39 11.49 -6.22
CA ILE A 152 -6.62 10.54 -5.16
C ILE A 152 -5.35 10.48 -4.36
N VAL A 153 -5.45 10.73 -3.07
CA VAL A 153 -4.37 10.55 -2.15
C VAL A 153 -4.78 9.33 -1.34
N HIS A 154 -3.92 8.31 -1.31
CA HIS A 154 -4.22 7.04 -0.67
C HIS A 154 -4.35 7.19 0.82
N LEU A 155 -3.35 7.85 1.43
CA LEU A 155 -3.26 8.16 2.88
C LEU A 155 -3.02 7.02 3.85
N ASP A 156 -2.69 5.83 3.37
CA ASP A 156 -2.49 4.70 4.26
C ASP A 156 -1.47 3.74 3.63
N LEU A 157 -0.50 4.27 2.91
CA LEU A 157 0.52 3.44 2.22
C LEU A 157 1.61 2.89 3.14
N LYS A 158 1.21 2.12 4.13
CA LYS A 158 2.13 1.33 4.91
C LYS A 158 2.53 0.12 4.07
N PRO A 159 3.70 -0.47 4.32
CA PRO A 159 4.06 -1.68 3.60
C PRO A 159 3.08 -2.85 3.78
N GLN A 160 2.30 -2.90 4.86
CA GLN A 160 1.24 -3.88 4.94
C GLN A 160 0.16 -3.71 3.84
N ASN A 161 0.09 -2.53 3.21
CA ASN A 161 -0.92 -2.28 2.20
C ASN A 161 -0.38 -2.21 0.77
N ILE A 162 0.78 -2.80 0.52
CA ILE A 162 1.24 -3.01 -0.83
C ILE A 162 1.54 -4.48 -0.92
N LEU A 163 0.81 -5.17 -1.80
CA LEU A 163 0.96 -6.60 -1.98
C LEU A 163 1.82 -6.91 -3.23
N LEU A 164 2.14 -8.21 -3.35
CA LEU A 164 2.93 -8.75 -4.43
C LEU A 164 2.11 -9.79 -5.15
N SER A 165 2.19 -9.80 -6.48
CA SER A 165 1.49 -10.81 -7.23
C SER A 165 2.15 -12.19 -7.03
N SER A 166 3.38 -12.20 -6.52
CA SER A 166 4.15 -13.44 -6.27
C SER A 166 5.45 -13.17 -5.50
N ILE A 167 5.98 -14.18 -4.78
CA ILE A 167 7.37 -14.06 -4.25
C ILE A 167 8.40 -15.14 -4.67
N TYR A 168 7.96 -16.26 -5.23
CA TYR A 168 8.90 -17.20 -5.83
C TYR A 168 8.57 -17.47 -7.29
N PRO A 169 9.05 -16.58 -8.20
CA PRO A 169 9.88 -15.40 -8.00
C PRO A 169 9.11 -14.11 -7.62
N LEU A 170 9.86 -13.04 -7.40
CA LEU A 170 9.28 -11.76 -6.99
C LEU A 170 8.44 -11.18 -8.11
N GLY A 171 7.21 -10.82 -7.81
CA GLY A 171 6.29 -10.40 -8.86
C GLY A 171 6.12 -8.90 -8.81
N ASP A 172 4.90 -8.46 -9.13
CA ASP A 172 4.59 -7.04 -9.30
C ASP A 172 3.72 -6.51 -8.14
N ILE A 173 3.76 -5.21 -7.91
CA ILE A 173 3.09 -4.67 -6.75
C ILE A 173 1.65 -4.34 -7.07
N LYS A 174 0.79 -4.55 -6.06
CA LYS A 174 -0.64 -4.21 -6.09
C LYS A 174 -0.95 -3.35 -4.85
N ILE A 175 -1.30 -2.08 -5.06
CA ILE A 175 -1.67 -1.20 -3.93
C ILE A 175 -3.12 -1.57 -3.48
N VAL A 176 -3.31 -1.73 -2.17
CA VAL A 176 -4.59 -2.10 -1.60
C VAL A 176 -5.06 -1.15 -0.50
N ASP A 177 -6.29 -1.38 -0.04
CA ASP A 177 -6.96 -0.64 1.06
C ASP A 177 -7.08 0.86 0.86
N PHE A 178 -8.09 1.23 0.08
CA PHE A 178 -8.38 2.61 -0.20
C PHE A 178 -9.37 3.20 0.81
N GLY A 179 -9.56 2.54 1.95
CA GLY A 179 -10.53 3.03 2.96
C GLY A 179 -10.26 4.42 3.49
N MET A 180 -8.99 4.81 3.55
CA MET A 180 -8.59 6.18 3.96
C MET A 180 -8.48 7.20 2.81
N SER A 181 -8.43 6.74 1.55
CA SER A 181 -8.55 7.62 0.35
C SER A 181 -9.32 8.92 0.54
N ARG A 182 -8.74 10.03 0.12
CA ARG A 182 -9.46 11.30 -0.04
C ARG A 182 -8.96 12.06 -1.28
N LYS A 183 -9.69 13.12 -1.62
CA LYS A 183 -9.20 14.17 -2.51
C LYS A 183 -8.16 15.06 -1.80
N ILE A 184 -7.32 15.67 -2.61
CA ILE A 184 -6.12 16.41 -2.18
C ILE A 184 -6.34 17.41 -1.04
N MET A 194 -5.02 9.73 12.77
CA MET A 194 -4.85 8.79 13.88
C MET A 194 -4.93 7.27 13.49
N GLY A 195 -4.03 6.78 12.63
CA GLY A 195 -3.88 5.33 12.30
C GLY A 195 -2.77 4.57 13.06
N THR A 196 -1.93 3.78 12.37
CA THR A 196 -0.70 3.23 13.03
C THR A 196 0.35 4.36 13.16
N PRO A 197 0.74 4.76 14.38
CA PRO A 197 1.54 5.96 14.61
C PRO A 197 2.80 6.16 13.77
N GLU A 198 3.57 5.08 13.57
CA GLU A 198 4.91 5.15 13.00
C GLU A 198 4.83 5.47 11.55
N TYR A 199 3.69 5.22 10.92
CA TYR A 199 3.51 5.54 9.49
C TYR A 199 2.84 6.88 9.16
N LEU A 200 2.55 7.66 10.20
CA LEU A 200 1.88 8.96 10.05
C LEU A 200 2.87 10.07 9.71
N ALA A 201 2.62 10.77 8.60
CA ALA A 201 3.39 11.92 8.20
C ALA A 201 3.22 13.05 9.21
N PRO A 202 4.22 13.97 9.29
CA PRO A 202 4.18 15.05 10.27
C PRO A 202 3.00 16.02 10.11
N GLU A 203 2.60 16.28 8.88
CA GLU A 203 1.47 17.17 8.60
C GLU A 203 0.14 16.59 9.18
N ILE A 204 -0.02 15.26 9.17
CA ILE A 204 -1.15 14.61 9.85
C ILE A 204 -1.08 14.84 11.35
N LEU A 205 0.10 14.73 11.96
CA LEU A 205 0.22 15.05 13.41
C LEU A 205 -0.13 16.51 13.73
N ASN A 206 -0.05 17.40 12.74
CA ASN A 206 -0.29 18.82 12.95
C ASN A 206 -1.66 19.27 12.35
N TYR A 207 -2.44 18.28 11.93
CA TYR A 207 -3.81 18.47 11.40
C TYR A 207 -3.91 19.19 10.03
N ASP A 208 -2.79 19.33 9.32
CA ASP A 208 -2.78 20.14 8.11
C ASP A 208 -3.62 19.44 7.08
N PRO A 209 -3.99 20.17 6.00
CA PRO A 209 -4.85 19.51 5.04
C PRO A 209 -4.14 18.37 4.34
N ILE A 210 -4.94 17.52 3.70
CA ILE A 210 -4.40 16.38 2.99
C ILE A 210 -3.61 16.92 1.81
N THR A 211 -2.45 16.35 1.56
CA THR A 211 -1.66 16.71 0.41
C THR A 211 -1.18 15.42 -0.26
N THR A 212 -0.99 15.43 -1.57
CA THR A 212 -0.32 14.33 -2.26
C THR A 212 1.05 14.05 -1.61
N ALA A 213 1.68 15.08 -1.07
CA ALA A 213 3.00 14.90 -0.41
C ALA A 213 3.02 13.84 0.72
N THR A 214 1.88 13.64 1.37
CA THR A 214 1.78 12.63 2.45
C THR A 214 2.06 11.21 1.99
N ASP A 215 1.57 10.84 0.79
CA ASP A 215 1.87 9.53 0.21
C ASP A 215 3.39 9.41 -0.08
N MET A 216 4.02 10.51 -0.42
CA MET A 216 5.43 10.51 -0.76
C MET A 216 6.33 10.28 0.45
N TRP A 217 5.98 10.89 1.58
CA TRP A 217 6.53 10.54 2.88
C TRP A 217 6.46 9.04 3.13
N ASN A 218 5.29 8.45 2.93
CA ASN A 218 5.18 7.00 3.12
C ASN A 218 6.00 6.17 2.15
N ILE A 219 6.25 6.68 0.94
CA ILE A 219 7.16 5.98 -0.01
C ILE A 219 8.60 6.03 0.48
N GLY A 220 8.98 7.12 1.14
CA GLY A 220 10.28 7.19 1.81
C GLY A 220 10.44 6.10 2.85
N ILE A 221 9.39 5.87 3.64
CA ILE A 221 9.45 4.88 4.70
C ILE A 221 9.59 3.49 4.09
N ILE A 222 8.87 3.22 3.00
CA ILE A 222 8.94 1.89 2.42
C ILE A 222 10.33 1.60 1.89
N ALA A 223 10.93 2.55 1.19
CA ALA A 223 12.30 2.43 0.74
C ALA A 223 13.22 2.20 1.94
N TYR A 224 13.07 3.00 3.00
CA TYR A 224 13.92 2.87 4.19
C TYR A 224 13.79 1.47 4.77
N MET A 225 12.57 0.96 4.84
CA MET A 225 12.35 -0.36 5.44
C MET A 225 12.83 -1.53 4.56
N LEU A 226 12.71 -1.42 3.25
CA LEU A 226 13.17 -2.49 2.34
C LEU A 226 14.69 -2.60 2.37
N LEU A 227 15.31 -1.46 2.53
CA LEU A 227 16.79 -1.32 2.42
C LEU A 227 17.57 -1.54 3.70
N THR A 228 16.99 -1.14 4.85
CA THR A 228 17.59 -1.30 6.18
C THR A 228 16.98 -2.43 7.00
N HIS A 229 15.77 -2.84 6.66
CA HIS A 229 15.05 -3.81 7.45
C HIS A 229 14.82 -3.32 8.90
N THR A 230 14.63 -2.01 9.05
CA THR A 230 14.26 -1.41 10.34
C THR A 230 13.21 -0.34 10.11
N SER A 231 12.39 -0.06 11.12
CA SER A 231 11.45 1.05 11.10
C SER A 231 12.15 2.37 11.29
N PRO A 232 11.91 3.35 10.40
CA PRO A 232 12.57 4.66 10.61
C PRO A 232 12.12 5.51 11.83
N PHE A 233 10.89 5.33 12.31
CA PHE A 233 10.34 6.22 13.33
C PHE A 233 9.80 5.60 14.59
N VAL A 234 9.65 4.27 14.64
CA VAL A 234 9.04 3.66 15.83
C VAL A 234 9.95 3.85 17.05
N GLY A 235 9.33 4.12 18.20
CA GLY A 235 10.06 4.28 19.48
C GLY A 235 9.53 3.30 20.50
N GLU A 236 10.00 3.40 21.76
CA GLU A 236 9.57 2.51 22.84
C GLU A 236 8.08 2.62 23.04
N ASP A 237 7.56 3.84 22.89
CA ASP A 237 6.14 4.12 23.12
C ASP A 237 5.68 5.11 22.08
N ASN A 238 4.37 5.25 21.95
CA ASN A 238 3.79 6.15 20.95
C ASN A 238 4.33 7.60 21.10
N GLN A 239 4.49 8.04 22.35
CA GLN A 239 5.01 9.37 22.65
C GLN A 239 6.34 9.59 21.96
N GLU A 240 7.22 8.59 22.00
CA GLU A 240 8.52 8.71 21.37
C GLU A 240 8.44 8.62 19.86
N THR A 241 7.59 7.72 19.36
CA THR A 241 7.28 7.66 17.95
C THR A 241 6.87 9.04 17.41
N TYR A 242 5.97 9.73 18.12
CA TYR A 242 5.43 10.98 17.62
C TYR A 242 6.48 12.07 17.59
N LEU A 243 7.32 12.10 18.60
CA LEU A 243 8.46 12.99 18.63
C LEU A 243 9.45 12.63 17.53
N ASN A 244 9.60 11.35 17.20
CA ASN A 244 10.53 11.00 16.13
C ASN A 244 10.05 11.54 14.80
N ILE A 245 8.74 11.46 14.57
CA ILE A 245 8.15 11.96 13.33
C ILE A 245 8.20 13.49 13.28
N SER A 246 7.72 14.14 14.34
CA SER A 246 7.65 15.60 14.32
C SER A 246 9.05 16.27 14.27
N GLN A 247 10.08 15.65 14.86
CA GLN A 247 11.49 16.13 14.77
C GLN A 247 12.21 15.59 13.50
N VAL A 248 11.56 14.68 12.79
CA VAL A 248 12.18 13.90 11.70
C VAL A 248 13.57 13.36 12.14
N ASN A 249 13.54 12.57 13.21
CA ASN A 249 14.73 11.93 13.77
C ASN A 249 14.83 10.52 13.18
N VAL A 250 15.62 10.40 12.11
CA VAL A 250 15.79 9.16 11.38
C VAL A 250 17.24 8.78 11.49
N ASP A 251 17.49 7.50 11.79
CA ASP A 251 18.83 6.92 11.83
C ASP A 251 19.40 6.74 10.43
N TYR A 252 20.45 7.49 10.13
CA TYR A 252 21.22 7.35 8.88
C TYR A 252 22.69 6.99 9.11
N SER A 253 22.96 6.35 10.25
CA SER A 253 24.30 5.97 10.68
C SER A 253 24.94 4.97 9.73
N GLU A 254 26.27 4.91 9.71
CA GLU A 254 26.96 3.98 8.82
C GLU A 254 26.63 2.52 9.11
N GLU A 255 26.37 2.18 10.38
CA GLU A 255 25.93 0.84 10.74
C GLU A 255 24.66 0.42 9.97
N THR A 256 23.67 1.30 9.94
CA THR A 256 22.41 0.99 9.31
C THR A 256 22.51 1.08 7.77
N PHE A 257 23.37 2.00 7.31
CA PHE A 257 23.48 2.32 5.89
C PHE A 257 24.76 1.81 5.20
N SER A 258 25.57 1.01 5.88
CA SER A 258 26.84 0.52 5.31
C SER A 258 26.64 -0.27 4.02
N SER A 259 25.47 -0.87 3.83
CA SER A 259 25.29 -1.63 2.60
C SER A 259 24.20 -1.03 1.75
N VAL A 260 23.88 0.24 1.99
CA VAL A 260 22.89 0.97 1.18
C VAL A 260 23.61 2.04 0.36
N SER A 261 23.30 2.13 -0.92
CA SER A 261 24.02 3.04 -1.83
C SER A 261 23.68 4.50 -1.51
N GLN A 262 24.56 5.42 -1.90
CA GLN A 262 24.29 6.85 -1.66
C GLN A 262 23.03 7.29 -2.38
N LEU A 263 22.85 6.80 -3.61
CA LEU A 263 21.69 7.24 -4.43
C LEU A 263 20.37 6.85 -3.76
N ALA A 264 20.30 5.63 -3.23
CA ALA A 264 19.14 5.20 -2.41
C ALA A 264 18.92 6.12 -1.19
N THR A 265 20.00 6.42 -0.48
CA THR A 265 19.97 7.31 0.66
C THR A 265 19.41 8.68 0.26
N ASP A 266 19.89 9.21 -0.88
CA ASP A 266 19.42 10.51 -1.41
C ASP A 266 17.93 10.44 -1.70
N PHE A 267 17.50 9.33 -2.26
CA PHE A 267 16.09 9.14 -2.53
C PHE A 267 15.26 9.28 -1.22
N ILE A 268 15.66 8.54 -0.20
CA ILE A 268 14.98 8.54 1.09
C ILE A 268 15.03 9.90 1.73
N GLN A 269 16.20 10.50 1.79
CA GLN A 269 16.37 11.78 2.50
C GLN A 269 15.58 12.92 1.80
N SER A 270 15.30 12.78 0.52
CA SER A 270 14.48 13.78 -0.19
C SER A 270 13.01 13.64 0.14
N LEU A 271 12.54 12.42 0.47
CA LEU A 271 11.13 12.20 0.84
C LEU A 271 10.84 12.41 2.33
N LEU A 272 11.79 12.03 3.18
CA LEU A 272 11.62 12.18 4.62
C LEU A 272 12.08 13.57 5.09
N VAL A 273 11.32 14.59 4.64
CA VAL A 273 11.53 15.95 5.03
C VAL A 273 10.25 16.53 5.64
N LYS A 274 10.43 17.31 6.71
CA LYS A 274 9.32 17.83 7.53
C LYS A 274 8.30 18.62 6.72
N ASN A 275 8.78 19.51 5.85
CA ASN A 275 7.92 20.35 5.04
C ASN A 275 7.38 19.66 3.80
N PRO A 276 6.06 19.38 3.77
CA PRO A 276 5.53 18.61 2.66
C PRO A 276 5.80 19.23 1.28
N GLU A 277 5.87 20.55 1.23
CA GLU A 277 6.13 21.29 -0.01
C GLU A 277 7.49 21.05 -0.63
N LYS A 278 8.42 20.54 0.17
CA LYS A 278 9.80 20.33 -0.26
C LYS A 278 10.04 18.92 -0.73
N ARG A 279 9.06 18.03 -0.52
CA ARG A 279 9.14 16.67 -1.04
C ARG A 279 8.85 16.67 -2.53
N PRO A 280 9.63 15.90 -3.30
CA PRO A 280 9.33 15.78 -4.74
C PRO A 280 8.06 15.01 -4.98
N THR A 281 7.45 15.24 -6.14
CA THR A 281 6.27 14.55 -6.58
C THR A 281 6.64 13.14 -7.00
N ALA A 282 5.62 12.30 -7.26
CA ALA A 282 5.82 10.96 -7.80
C ALA A 282 6.54 11.08 -9.15
N GLU A 283 6.14 12.05 -9.97
CA GLU A 283 6.68 12.27 -11.33
C GLU A 283 8.18 12.51 -11.24
N ILE A 284 8.58 13.53 -10.47
CA ILE A 284 9.97 13.85 -10.21
C ILE A 284 10.72 12.65 -9.64
N CYS A 285 10.12 11.94 -8.68
CA CYS A 285 10.71 10.70 -8.12
C CYS A 285 11.02 9.60 -9.12
N LEU A 286 10.12 9.38 -10.08
CA LEU A 286 10.38 8.41 -11.17
C LEU A 286 11.59 8.76 -12.01
N SER A 287 12.06 10.00 -11.99
CA SER A 287 13.24 10.38 -12.79
C SER A 287 14.50 10.34 -11.93
N HIS A 288 14.35 9.99 -10.66
CA HIS A 288 15.50 9.92 -9.77
C HIS A 288 16.58 8.96 -10.31
N SER A 289 17.84 9.40 -10.23
CA SER A 289 18.97 8.61 -10.68
C SER A 289 19.08 7.23 -10.04
N TRP A 290 18.63 7.08 -8.79
CA TRP A 290 18.65 5.78 -8.13
C TRP A 290 17.93 4.72 -8.97
N LEU A 291 16.89 5.13 -9.69
CA LEU A 291 15.98 4.21 -10.38
C LEU A 291 16.28 4.08 -11.87
N GLN A 292 17.26 4.80 -12.36
CA GLN A 292 17.63 4.74 -13.76
C GLN A 292 18.53 3.51 -13.91
N GLN A 293 18.05 2.52 -14.67
CA GLN A 293 18.74 1.25 -14.81
C GLN A 293 18.50 0.69 -16.19
N TRP A 294 19.55 0.19 -16.82
CA TRP A 294 19.45 -0.49 -18.09
C TRP A 294 19.34 -1.99 -17.84
N ASP A 295 18.38 -2.65 -18.49
CA ASP A 295 18.20 -4.12 -18.36
C ASP A 295 19.24 -4.78 -19.25
N PHE A 296 20.24 -5.41 -18.65
CA PHE A 296 21.44 -5.89 -19.41
C PHE A 296 21.17 -6.86 -20.57
N GLU A 297 19.99 -7.47 -20.58
CA GLU A 297 19.59 -8.36 -21.68
C GLU A 297 19.35 -7.56 -22.98
N ASN A 298 19.03 -6.27 -22.82
CA ASN A 298 18.76 -5.37 -23.95
C ASN A 298 20.01 -4.74 -24.56
N LEU A 299 20.00 -4.54 -25.88
CA LEU A 299 21.07 -3.88 -26.62
C LEU A 299 20.97 -2.36 -26.48
N PHE A 300 21.97 -1.74 -25.83
CA PHE A 300 21.97 -0.29 -25.60
C PHE A 300 22.41 0.42 -26.87
N HIS A 301 21.72 1.51 -27.21
CA HIS A 301 22.05 2.30 -28.39
C HIS A 301 22.57 3.68 -27.99
N PRO A 302 23.86 3.94 -28.25
CA PRO A 302 24.49 5.20 -27.89
C PRO A 302 24.08 6.37 -28.80
N1 EBD B . -1.36 -11.14 3.07
C2 EBD B . -2.24 -10.20 2.65
N3 EBD B . -2.91 -10.41 1.50
C4 EBD B . -2.72 -11.52 0.73
C5 EBD B . -1.79 -12.49 1.18
C6 EBD B . -1.13 -12.28 2.39
NAG EBD B . -3.42 -11.67 -0.40
CAH EBD B . -4.37 -10.79 -0.87
NAI EBD B . -2.39 -9.09 3.44
CAJ EBD B . -3.31 -8.12 3.39
CAK EBD B . -2.89 -6.79 3.51
CAL EBD B . -3.78 -5.69 3.51
CAM EBD B . -5.15 -5.93 3.34
CAN EBD B . -5.58 -7.28 3.24
CAO EBD B . -4.68 -8.36 3.27
NAP EBD B . -4.78 -10.84 -2.14
NAQ EBD B . -5.61 -9.97 -2.41
CAR EBD B . -5.85 -9.27 -1.30
CAS EBD B . -5.07 -9.78 -0.27
CAT EBD B . -6.86 -8.10 -1.27
CAU EBD B . -6.48 -6.78 -0.59
CAV EBD B . -6.16 -4.76 3.35
CAW EBD B . -7.38 -7.76 0.14
CAX EBD B . -1.47 -13.81 0.46
CAY EBD B . -7.20 -4.84 2.32
NAZ EBD B . -7.99 -4.90 1.48
C1 EDO C . 24.80 -0.34 -6.56
O1 EDO C . 25.30 -0.81 -7.79
C2 EDO C . 25.58 0.86 -6.11
O2 EDO C . 26.23 0.55 -4.86
CL CL D . -8.61 -3.41 -0.75
#